data_9MTB
#
_entry.id   9MTB
#
_cell.length_a   74.162
_cell.length_b   74.162
_cell.length_c   107.610
_cell.angle_alpha   90.000
_cell.angle_beta   90.000
_cell.angle_gamma   90.000
#
_symmetry.space_group_name_H-M   'P 43 2 2'
#
loop_
_entity.id
_entity.type
_entity.pdbx_description
1 polymer 'Heat shock protein 90 homolog'
2 non-polymer 'PHOSPHOAMINOPHOSPHONIC ACID-ADENYLATE ESTER'
3 water water
#
_entity_poly.entity_id   1
_entity_poly.type   'polypeptide(L)'
_entity_poly.pdbx_seq_one_letter_code
;MADAKVETHEFTAEISQLMSLIINTVYSNKEIFLRELISNASDALDKIRYQALSDPSQLESEPELFIRIIPQKDQKVLEI
RDSGIGMTKADLVNNLGTIAKSGTKSFMEALSAGADVSMIGQFGVGFYSLFLVADHVQVISKHNDDEQYVWESNAGGKFT
VTLDETNERLGRGTMLRLFLKEDQLEYLEEKRIKEVVKKHSEFVAYPIQLVVTKEVEKNLYFQSGSHHHHHH
;
_entity_poly.pdbx_strand_id   A
#
# COMPACT_ATOMS: atom_id res chain seq x y z
N LYS A 5 14.48 10.42 15.07
CA LYS A 5 13.81 11.72 15.05
C LYS A 5 12.39 11.59 14.44
N VAL A 6 11.39 11.42 15.30
CA VAL A 6 10.07 11.03 14.85
C VAL A 6 9.07 12.15 14.79
N GLU A 7 8.82 12.69 13.60
CA GLU A 7 7.81 13.73 13.46
C GLU A 7 6.41 13.15 13.60
N THR A 8 5.59 13.77 14.46
CA THR A 8 4.19 13.40 14.61
C THR A 8 3.27 14.41 13.92
N HIS A 9 2.19 13.88 13.38
CA HIS A 9 1.17 14.71 12.71
C HIS A 9 -0.18 14.13 13.11
N GLU A 10 -1.27 14.82 12.81
CA GLU A 10 -2.63 14.35 13.07
C GLU A 10 -3.35 14.10 11.75
N PHE A 11 -4.20 13.10 11.76
CA PHE A 11 -5.02 12.83 10.59
C PHE A 11 -6.10 13.90 10.44
N THR A 12 -6.35 14.32 9.20
CA THR A 12 -7.61 15.02 8.96
C THR A 12 -8.73 14.15 9.52
N ALA A 13 -9.76 14.80 10.06
CA ALA A 13 -10.83 14.04 10.70
C ALA A 13 -11.50 13.11 9.70
N GLU A 14 -11.65 13.54 8.45
CA GLU A 14 -12.28 12.69 7.45
C GLU A 14 -11.50 11.37 7.31
N ILE A 15 -10.21 11.46 7.02
CA ILE A 15 -9.35 10.25 6.82
C ILE A 15 -9.47 9.33 8.03
N SER A 16 -9.46 9.89 9.23
CA SER A 16 -9.54 9.09 10.47
C SER A 16 -10.86 8.33 10.49
N GLN A 17 -11.93 8.95 10.01
CA GLN A 17 -13.27 8.32 10.00
C GLN A 17 -13.32 7.25 8.93
N LEU A 18 -12.65 7.47 7.80
CA LEU A 18 -12.58 6.47 6.72
C LEU A 18 -11.76 5.31 7.24
N MET A 19 -10.76 5.58 8.07
CA MET A 19 -9.86 4.52 8.56
C MET A 19 -10.62 3.68 9.56
N SER A 20 -11.51 4.29 10.33
CA SER A 20 -12.29 3.60 11.38
C SER A 20 -13.45 2.85 10.73
N LEU A 21 -14.04 3.44 9.70
CA LEU A 21 -15.12 2.76 8.95
C LEU A 21 -14.56 1.46 8.41
N ILE A 22 -13.47 1.49 7.66
CA ILE A 22 -12.92 0.29 6.97
C ILE A 22 -12.36 -0.72 7.99
N ILE A 23 -11.66 -0.27 9.03
CA ILE A 23 -11.03 -1.24 9.94
C ILE A 23 -12.07 -1.99 10.74
N ASN A 24 -13.32 -1.57 10.68
CA ASN A 24 -14.38 -2.20 11.44
C ASN A 24 -15.38 -2.98 10.61
N THR A 25 -15.56 -2.58 9.36
CA THR A 25 -16.60 -3.12 8.48
C THR A 25 -16.58 -4.61 8.46
N VAL A 26 -17.76 -5.20 8.51
CA VAL A 26 -17.90 -6.65 8.30
C VAL A 26 -18.12 -6.73 6.79
N TYR A 27 -17.20 -7.34 6.07
CA TYR A 27 -17.31 -7.42 4.60
C TYR A 27 -16.83 -8.78 4.24
N SER A 28 -17.45 -9.39 3.25
CA SER A 28 -17.15 -10.79 2.89
C SER A 28 -15.93 -10.90 1.98
N ASN A 29 -15.82 -10.05 0.95
CA ASN A 29 -14.72 -10.18 -0.04
C ASN A 29 -13.55 -9.28 0.36
N LYS A 30 -12.96 -9.46 1.54
CA LYS A 30 -11.84 -8.64 1.97
C LYS A 30 -10.60 -8.79 1.08
N GLU A 31 -10.56 -9.82 0.25
CA GLU A 31 -9.42 -10.03 -0.63
C GLU A 31 -9.27 -8.94 -1.69
N ILE A 32 -10.24 -8.05 -1.85
CA ILE A 32 -10.06 -7.04 -2.89
C ILE A 32 -9.03 -5.99 -2.48
N PHE A 33 -8.59 -5.97 -1.21
CA PHE A 33 -7.53 -5.04 -0.84
C PHE A 33 -6.33 -5.27 -1.74
N LEU A 34 -6.08 -6.51 -2.11
CA LEU A 34 -4.86 -6.80 -2.85
C LEU A 34 -4.89 -6.22 -4.26
N ARG A 35 -6.04 -6.30 -4.93
CA ARG A 35 -6.20 -5.60 -6.21
C ARG A 35 -5.94 -4.10 -6.07
N GLU A 36 -6.46 -3.49 -5.02
CA GLU A 36 -6.26 -2.07 -4.83
C GLU A 36 -4.80 -1.70 -4.72
N LEU A 37 -4.02 -2.52 -4.01
CA LEU A 37 -2.67 -2.10 -3.67
C LEU A 37 -1.73 -2.38 -4.82
N ILE A 38 -1.97 -3.49 -5.53
CA ILE A 38 -1.30 -3.75 -6.79
C ILE A 38 -1.67 -2.69 -7.78
N SER A 39 -2.88 -2.15 -7.70
CA SER A 39 -3.24 -1.13 -8.68
C SER A 39 -2.47 0.15 -8.42
N ASN A 40 -2.35 0.56 -7.13
CA ASN A 40 -1.45 1.65 -6.78
C ASN A 40 -0.06 1.37 -7.27
N ALA A 41 0.42 0.16 -7.04
CA ALA A 41 1.83 -0.08 -7.36
C ALA A 41 2.04 0.07 -8.86
N SER A 42 1.08 -0.45 -9.63
CA SER A 42 1.12 -0.31 -11.08
C SER A 42 1.08 1.15 -11.47
N ASP A 43 0.28 1.95 -10.77
CA ASP A 43 0.29 3.36 -11.11
C ASP A 43 1.61 3.99 -10.82
N ALA A 44 2.26 3.60 -9.72
CA ALA A 44 3.50 4.27 -9.35
C ALA A 44 4.59 3.87 -10.33
N LEU A 45 4.52 2.65 -10.83
CA LEU A 45 5.41 2.23 -11.89
C LEU A 45 5.15 3.01 -13.18
N ASP A 46 3.87 3.24 -13.52
CA ASP A 46 3.55 4.00 -14.72
C ASP A 46 4.29 5.34 -14.69
N LYS A 47 4.35 5.94 -13.51
CA LYS A 47 4.87 7.30 -13.38
C LYS A 47 6.38 7.34 -13.53
N ILE A 48 7.08 6.37 -12.97
CA ILE A 48 8.52 6.31 -13.26
C ILE A 48 8.74 5.93 -14.72
N ARG A 49 7.89 5.06 -15.27
CA ARG A 49 8.01 4.75 -16.70
C ARG A 49 7.91 6.01 -17.55
N TYR A 50 6.99 6.90 -17.22
CA TYR A 50 6.85 8.14 -17.98
C TYR A 50 8.12 8.99 -17.90
N GLN A 51 8.59 9.27 -16.67
CA GLN A 51 9.81 10.08 -16.50
C GLN A 51 11.00 9.45 -17.21
N ALA A 52 11.06 8.14 -17.30
CA ALA A 52 12.19 7.48 -17.95
C ALA A 52 12.13 7.52 -19.47
N LEU A 53 10.96 7.74 -20.07
CA LEU A 53 10.92 8.08 -21.49
C LEU A 53 11.69 9.38 -21.77
N SER A 54 11.43 10.43 -21.00
CA SER A 54 12.18 11.67 -21.14
C SER A 54 13.62 11.51 -20.65
N ASP A 55 13.84 10.86 -19.50
CA ASP A 55 15.15 10.83 -18.85
C ASP A 55 15.51 9.43 -18.32
N PRO A 56 16.18 8.65 -19.14
CA PRO A 56 16.45 7.24 -18.74
C PRO A 56 17.32 7.07 -17.50
N SER A 57 18.09 8.06 -17.07
CA SER A 57 18.89 7.84 -15.86
C SER A 57 18.00 7.66 -14.62
N GLN A 58 16.73 8.07 -14.67
CA GLN A 58 15.82 7.96 -13.52
C GLN A 58 15.67 6.51 -13.06
N LEU A 59 15.89 5.55 -13.95
CA LEU A 59 15.73 4.15 -13.59
C LEU A 59 16.96 3.52 -12.95
N GLU A 60 18.03 4.28 -12.79
CA GLU A 60 19.29 3.69 -12.36
C GLU A 60 19.32 3.35 -10.86
N SER A 61 18.44 3.97 -10.08
CA SER A 61 18.28 3.70 -8.65
C SER A 61 17.73 2.30 -8.37
N GLU A 62 17.02 1.69 -9.30
CA GLU A 62 16.42 0.37 -9.25
C GLU A 62 15.98 -0.01 -10.67
N PRO A 63 16.86 -0.60 -11.48
CA PRO A 63 16.55 -0.77 -12.90
C PRO A 63 15.40 -1.72 -13.22
N GLU A 64 15.15 -2.72 -12.38
CA GLU A 64 14.06 -3.62 -12.64
C GLU A 64 12.76 -2.99 -12.16
N LEU A 65 11.72 -3.15 -12.96
CA LEU A 65 10.38 -2.63 -12.67
C LEU A 65 9.51 -3.80 -12.28
N PHE A 66 9.08 -3.82 -11.04
CA PHE A 66 8.36 -4.99 -10.53
C PHE A 66 7.42 -4.58 -9.42
N ILE A 67 6.46 -5.47 -9.15
CA ILE A 67 5.67 -5.53 -7.94
C ILE A 67 5.96 -6.84 -7.24
N ARG A 68 6.19 -6.77 -5.94
CA ARG A 68 6.67 -7.94 -5.21
C ARG A 68 5.92 -8.06 -3.91
N ILE A 69 5.42 -9.25 -3.66
CA ILE A 69 4.60 -9.59 -2.49
C ILE A 69 5.43 -10.51 -1.61
N ILE A 70 5.61 -10.11 -0.35
CA ILE A 70 6.54 -10.80 0.56
C ILE A 70 5.87 -11.18 1.87
N PRO A 71 5.24 -12.37 1.93
CA PRO A 71 4.67 -12.87 3.19
C PRO A 71 5.79 -13.03 4.20
N GLN A 72 5.59 -12.52 5.41
CA GLN A 72 6.55 -12.61 6.53
C GLN A 72 5.83 -13.35 7.66
N LYS A 73 5.74 -14.67 7.59
CA LYS A 73 4.94 -15.45 8.57
C LYS A 73 5.49 -15.27 9.99
N ASP A 74 6.80 -15.09 10.18
CA ASP A 74 7.34 -14.84 11.51
C ASP A 74 6.60 -13.69 12.21
N GLN A 75 6.42 -12.57 11.50
CA GLN A 75 5.89 -11.33 12.13
C GLN A 75 4.41 -11.13 11.85
N LYS A 76 3.74 -12.07 11.18
CA LYS A 76 2.34 -11.86 10.78
C LYS A 76 2.20 -10.59 9.92
N VAL A 77 3.11 -10.45 8.97
CA VAL A 77 3.18 -9.28 8.12
C VAL A 77 3.15 -9.73 6.66
N LEU A 78 2.36 -9.03 5.86
CA LEU A 78 2.39 -9.15 4.41
C LEU A 78 2.95 -7.84 3.89
N GLU A 79 4.02 -7.92 3.09
CA GLU A 79 4.66 -6.76 2.49
C GLU A 79 4.34 -6.72 1.00
N ILE A 80 4.05 -5.52 0.53
CA ILE A 80 3.81 -5.27 -0.88
C ILE A 80 4.70 -4.14 -1.35
N ARG A 81 5.65 -4.47 -2.20
CA ARG A 81 6.72 -3.58 -2.65
C ARG A 81 6.64 -3.37 -4.14
N ASP A 82 6.80 -2.13 -4.56
CA ASP A 82 6.97 -1.82 -5.96
C ASP A 82 8.24 -1.05 -6.14
N SER A 83 8.74 -1.08 -7.39
CA SER A 83 9.87 -0.21 -7.76
C SER A 83 9.38 1.01 -8.50
N GLY A 84 8.29 1.64 -8.02
CA GLY A 84 7.72 2.78 -8.68
C GLY A 84 8.47 4.07 -8.39
N ILE A 85 7.77 5.17 -8.61
CA ILE A 85 8.40 6.49 -8.52
C ILE A 85 8.76 6.80 -7.07
N GLY A 86 8.04 6.23 -6.15
CA GLY A 86 8.36 6.45 -4.76
C GLY A 86 7.77 7.76 -4.35
N MET A 87 8.02 8.11 -3.10
CA MET A 87 7.37 9.24 -2.45
C MET A 87 8.40 10.00 -1.62
N THR A 88 8.33 11.32 -1.64
CA THR A 88 9.19 12.12 -0.80
C THR A 88 8.63 12.15 0.61
N LYS A 89 9.43 12.70 1.52
CA LYS A 89 8.94 12.91 2.89
C LYS A 89 7.67 13.75 2.88
N ALA A 90 7.69 14.86 2.15
CA ALA A 90 6.51 15.74 2.10
C ALA A 90 5.33 15.05 1.41
N ASP A 91 5.60 14.34 0.32
CA ASP A 91 4.60 13.47 -0.28
C ASP A 91 3.91 12.60 0.78
N LEU A 92 4.68 11.91 1.62
CA LEU A 92 4.06 11.01 2.58
C LEU A 92 3.15 11.79 3.53
N VAL A 93 3.60 12.97 3.95
CA VAL A 93 2.84 13.72 4.93
C VAL A 93 1.52 14.20 4.33
N ASN A 94 1.44 14.42 3.03
CA ASN A 94 0.21 14.99 2.41
C ASN A 94 -0.61 13.90 1.72
N ASN A 95 0.00 13.04 0.90
CA ASN A 95 -0.75 12.01 0.14
C ASN A 95 -1.44 11.11 1.16
N LEU A 96 -0.77 10.81 2.28
CA LEU A 96 -1.33 9.97 3.36
C LEU A 96 -1.58 10.91 4.53
N GLY A 97 -2.82 11.02 5.00
CA GLY A 97 -3.18 12.02 6.01
C GLY A 97 -3.13 13.39 5.39
N THR A 98 -3.64 14.41 6.09
CA THR A 98 -3.45 15.79 5.44
C THR A 98 -3.89 15.89 3.98
N ILE A 99 -4.85 15.10 3.48
CA ILE A 99 -5.39 15.26 2.09
C ILE A 99 -6.38 14.15 1.70
N ALA A 100 -6.75 14.05 0.41
CA ALA A 100 -7.67 13.01 -0.15
C ALA A 100 -9.12 13.31 0.17
N LYS A 101 -9.42 14.42 0.85
CA LYS A 101 -10.79 14.72 1.33
C LYS A 101 -11.85 14.53 0.24
N SER A 102 -11.56 14.87 -1.02
CA SER A 102 -12.57 14.82 -2.08
C SER A 102 -13.19 13.43 -2.16
N GLY A 103 -12.36 12.43 -2.43
CA GLY A 103 -12.85 11.07 -2.62
C GLY A 103 -13.51 10.49 -1.38
N THR A 104 -13.06 10.90 -0.20
CA THR A 104 -13.54 10.24 1.01
C THR A 104 -14.97 10.66 1.34
N LYS A 105 -15.32 11.92 1.10
CA LYS A 105 -16.71 12.33 1.34
C LYS A 105 -17.62 11.64 0.34
N SER A 106 -17.27 11.70 -0.95
CA SER A 106 -18.06 10.99 -1.96
C SER A 106 -18.25 9.53 -1.59
N PHE A 107 -17.17 8.88 -1.18
CA PHE A 107 -17.22 7.46 -0.93
C PHE A 107 -18.07 7.12 0.30
N MET A 108 -17.93 7.86 1.38
CA MET A 108 -18.78 7.59 2.53
C MET A 108 -20.26 7.72 2.15
N GLU A 109 -20.59 8.65 1.27
CA GLU A 109 -21.99 8.81 0.85
C GLU A 109 -22.44 7.66 -0.06
N ALA A 110 -21.59 7.26 -0.97
CA ALA A 110 -21.99 6.15 -1.81
C ALA A 110 -22.25 4.91 -0.96
N LEU A 111 -21.49 4.72 0.14
CA LEU A 111 -21.67 3.52 0.95
C LEU A 111 -23.05 3.51 1.62
N SER A 112 -23.43 4.65 2.24
CA SER A 112 -24.74 4.78 2.86
C SER A 112 -25.87 4.52 1.85
N ALA A 113 -25.64 4.74 0.56
CA ALA A 113 -26.66 4.44 -0.44
C ALA A 113 -26.64 2.97 -0.92
N GLY A 114 -25.70 2.15 -0.44
CA GLY A 114 -25.69 0.75 -0.81
C GLY A 114 -24.48 0.26 -1.60
N ALA A 115 -23.51 1.15 -1.76
CA ALA A 115 -22.37 0.84 -2.62
C ALA A 115 -21.57 -0.32 -2.02
N ASP A 116 -20.99 -1.13 -2.91
CA ASP A 116 -20.17 -2.24 -2.45
C ASP A 116 -18.74 -1.76 -2.15
N VAL A 117 -18.25 -2.13 -0.96
CA VAL A 117 -16.93 -1.71 -0.52
C VAL A 117 -15.89 -1.92 -1.59
N SER A 118 -16.09 -2.89 -2.45
CA SER A 118 -15.16 -3.13 -3.55
C SER A 118 -15.12 -2.01 -4.57
N MET A 119 -15.94 -0.99 -4.44
CA MET A 119 -15.99 0.13 -5.37
C MET A 119 -15.19 1.30 -4.84
N ILE A 120 -14.44 1.09 -3.77
CA ILE A 120 -13.66 2.13 -3.12
C ILE A 120 -12.60 2.74 -4.02
N GLY A 121 -12.08 1.98 -4.96
CA GLY A 121 -11.07 2.52 -5.83
C GLY A 121 -11.61 3.51 -6.84
N GLN A 122 -12.90 3.42 -7.17
CA GLN A 122 -13.45 4.34 -8.15
C GLN A 122 -13.45 5.74 -7.58
N PHE A 123 -13.40 5.86 -6.25
CA PHE A 123 -13.28 7.13 -5.58
C PHE A 123 -11.85 7.48 -5.26
N GLY A 124 -10.89 6.67 -5.73
CA GLY A 124 -9.49 6.89 -5.45
C GLY A 124 -9.09 7.02 -3.99
N VAL A 125 -9.62 6.14 -3.15
CA VAL A 125 -9.11 6.03 -1.80
C VAL A 125 -8.88 4.55 -1.47
N GLY A 126 -8.56 3.76 -2.51
CA GLY A 126 -8.38 2.31 -2.35
C GLY A 126 -7.24 1.90 -1.44
N PHE A 127 -6.30 2.80 -1.19
CA PHE A 127 -5.20 2.49 -0.28
C PHE A 127 -5.74 2.01 1.05
N TYR A 128 -6.72 2.74 1.58
CA TYR A 128 -7.31 2.45 2.86
C TYR A 128 -8.11 1.15 2.87
N SER A 129 -8.35 0.51 1.73
CA SER A 129 -8.86 -0.85 1.78
C SER A 129 -7.96 -1.80 2.54
N LEU A 130 -6.70 -1.42 2.81
CA LEU A 130 -5.81 -2.34 3.48
C LEU A 130 -6.32 -2.69 4.87
N PHE A 131 -7.14 -1.84 5.46
CA PHE A 131 -7.60 -2.07 6.82
C PHE A 131 -8.73 -3.09 6.90
N LEU A 132 -9.23 -3.57 5.77
CA LEU A 132 -10.03 -4.76 5.78
C LEU A 132 -9.28 -5.91 6.43
N VAL A 133 -7.98 -6.02 6.18
CA VAL A 133 -7.19 -7.17 6.60
C VAL A 133 -6.11 -6.80 7.60
N ALA A 134 -5.96 -5.54 7.94
CA ALA A 134 -4.89 -5.15 8.84
C ALA A 134 -5.34 -4.07 9.79
N ASP A 135 -4.68 -4.01 10.95
CA ASP A 135 -4.98 -2.99 11.93
C ASP A 135 -3.84 -2.01 12.14
N HIS A 136 -2.67 -2.31 11.58
CA HIS A 136 -1.48 -1.43 11.67
C HIS A 136 -0.85 -1.48 10.28
N VAL A 137 -0.21 -0.40 9.86
CA VAL A 137 0.47 -0.39 8.56
C VAL A 137 1.65 0.57 8.58
N GLN A 138 2.77 0.15 7.97
CA GLN A 138 3.91 1.01 7.74
C GLN A 138 4.06 1.16 6.23
N VAL A 139 4.41 2.37 5.82
CA VAL A 139 4.70 2.67 4.41
C VAL A 139 6.11 3.20 4.31
N ILE A 140 6.94 2.50 3.58
CA ILE A 140 8.34 2.85 3.38
C ILE A 140 8.54 3.32 1.96
N SER A 141 9.27 4.43 1.80
CA SER A 141 9.29 4.98 0.47
C SER A 141 10.56 5.76 0.18
N LYS A 142 10.94 5.77 -1.09
CA LYS A 142 12.19 6.39 -1.50
C LYS A 142 12.03 6.90 -2.93
N HIS A 143 12.02 8.23 -3.05
CA HIS A 143 11.97 8.93 -4.32
C HIS A 143 13.40 9.22 -4.76
N ASN A 144 13.69 9.05 -6.05
CA ASN A 144 14.99 9.48 -6.58
C ASN A 144 15.32 10.88 -6.01
N ASP A 145 16.59 11.09 -5.67
CA ASP A 145 17.10 12.37 -5.16
C ASP A 145 16.49 12.77 -3.83
N ASP A 146 15.92 11.84 -3.07
CA ASP A 146 15.54 12.15 -1.69
C ASP A 146 15.76 10.90 -0.88
N GLU A 147 15.67 11.05 0.45
CA GLU A 147 16.02 9.97 1.35
C GLU A 147 14.84 9.01 1.55
N GLN A 148 15.14 7.85 2.13
CA GLN A 148 14.12 6.86 2.44
C GLN A 148 13.49 7.16 3.77
N TYR A 149 12.15 7.27 3.76
CA TYR A 149 11.33 7.50 4.95
C TYR A 149 10.35 6.37 5.19
N VAL A 150 9.87 6.29 6.43
CA VAL A 150 8.79 5.37 6.80
C VAL A 150 7.68 6.14 7.49
N TRP A 151 6.45 5.89 7.06
CA TRP A 151 5.24 6.49 7.59
C TRP A 151 4.45 5.41 8.31
N GLU A 152 3.90 5.75 9.44
CA GLU A 152 3.24 4.76 10.27
C GLU A 152 1.96 5.24 10.93
N SER A 153 0.97 4.34 10.94
CA SER A 153 -0.35 4.60 11.45
C SER A 153 -0.91 3.38 12.17
N ASN A 154 -1.76 3.65 13.17
CA ASN A 154 -2.51 2.64 13.91
C ASN A 154 -4.02 2.77 13.67
N ALA A 155 -4.42 3.46 12.60
CA ALA A 155 -5.81 3.79 12.30
C ALA A 155 -6.40 4.79 13.30
N GLY A 156 -5.56 5.44 14.09
CA GLY A 156 -6.00 6.34 15.12
C GLY A 156 -6.01 7.80 14.68
N GLY A 157 -5.48 8.66 15.54
CA GLY A 157 -5.60 10.08 15.31
C GLY A 157 -4.29 10.75 14.95
N LYS A 158 -3.19 10.04 15.07
CA LYS A 158 -1.89 10.57 14.73
C LYS A 158 -1.20 9.60 13.78
N PHE A 159 -0.22 10.11 13.04
CA PHE A 159 0.66 9.26 12.24
C PHE A 159 2.06 9.85 12.36
N THR A 160 3.08 8.99 12.30
CA THR A 160 4.45 9.48 12.29
C THR A 160 5.03 9.39 10.90
N VAL A 161 6.06 10.18 10.69
CA VAL A 161 6.91 10.08 9.51
C VAL A 161 8.32 10.22 10.03
N THR A 162 9.22 9.31 9.65
CA THR A 162 10.55 9.34 10.23
C THR A 162 11.52 8.76 9.21
N LEU A 163 12.76 9.23 9.29
CA LEU A 163 13.79 8.78 8.37
C LEU A 163 14.13 7.33 8.66
N ASP A 164 14.38 6.56 7.59
CA ASP A 164 14.34 5.10 7.66
C ASP A 164 15.73 4.56 7.92
N GLU A 165 15.94 4.12 9.16
CA GLU A 165 17.21 3.63 9.61
C GLU A 165 17.14 2.19 10.06
N THR A 166 16.08 1.49 9.72
CA THR A 166 15.94 0.10 10.17
C THR A 166 15.55 -0.91 9.12
N ASN A 167 15.15 -0.48 7.91
CA ASN A 167 14.64 -1.37 6.86
C ASN A 167 15.64 -1.54 5.71
N GLU A 168 15.51 -2.64 4.98
CA GLU A 168 16.23 -2.80 3.72
C GLU A 168 16.03 -1.56 2.83
N ARG A 169 17.07 -1.20 2.09
CA ARG A 169 16.99 -0.09 1.13
C ARG A 169 16.14 -0.51 -0.05
N LEU A 170 15.22 0.37 -0.47
CA LEU A 170 14.36 0.02 -1.60
C LEU A 170 15.05 0.28 -2.93
N GLY A 171 15.97 1.23 -2.96
CA GLY A 171 16.58 1.61 -4.23
C GLY A 171 15.73 2.71 -4.78
N ARG A 172 14.44 2.39 -4.95
CA ARG A 172 13.44 3.31 -5.48
C ARG A 172 12.09 2.63 -5.40
N GLY A 173 11.14 3.24 -4.75
CA GLY A 173 9.79 2.71 -4.84
C GLY A 173 9.13 2.74 -3.51
N THR A 174 8.28 1.76 -3.25
CA THR A 174 7.44 1.88 -2.06
C THR A 174 7.12 0.47 -1.60
N MET A 175 7.08 0.32 -0.29
CA MET A 175 6.77 -0.99 0.28
C MET A 175 5.80 -0.76 1.44
N LEU A 176 4.65 -1.41 1.35
CA LEU A 176 3.64 -1.41 2.40
C LEU A 176 3.81 -2.65 3.27
N ARG A 177 3.76 -2.48 4.57
CA ARG A 177 3.92 -3.57 5.52
C ARG A 177 2.58 -3.63 6.25
N LEU A 178 1.75 -4.61 5.89
CA LEU A 178 0.48 -4.80 6.56
C LEU A 178 0.69 -5.74 7.75
N PHE A 179 0.33 -5.26 8.94
CA PHE A 179 0.24 -6.06 10.18
C PHE A 179 -1.13 -6.70 10.20
N LEU A 180 -1.20 -7.93 9.71
CA LEU A 180 -2.48 -8.58 9.47
C LEU A 180 -3.24 -8.84 10.76
N LYS A 181 -4.55 -8.57 10.72
CA LYS A 181 -5.46 -9.03 11.76
C LYS A 181 -5.36 -10.53 11.97
N GLU A 182 -5.72 -11.00 13.16
CA GLU A 182 -5.58 -12.42 13.46
C GLU A 182 -6.60 -13.29 12.74
N ASP A 183 -7.72 -12.74 12.28
CA ASP A 183 -8.65 -13.57 11.52
C ASP A 183 -8.26 -13.69 10.05
N GLN A 184 -7.13 -13.08 9.63
CA GLN A 184 -6.89 -12.86 8.20
C GLN A 184 -5.53 -13.37 7.76
N LEU A 185 -4.92 -14.24 8.53
CA LEU A 185 -3.62 -14.79 8.24
C LEU A 185 -3.59 -15.69 7.01
N GLU A 186 -4.74 -15.96 6.40
CA GLU A 186 -4.71 -16.74 5.17
C GLU A 186 -3.88 -16.03 4.08
N TYR A 187 -3.73 -14.72 4.17
CA TYR A 187 -3.10 -13.95 3.11
C TYR A 187 -1.59 -14.00 3.18
N LEU A 188 -1.06 -14.71 4.16
CA LEU A 188 0.32 -15.12 4.20
C LEU A 188 0.63 -16.39 3.43
N GLU A 189 -0.36 -17.04 2.85
CA GLU A 189 -0.19 -18.36 2.24
C GLU A 189 0.01 -18.24 0.74
N GLU A 190 1.05 -18.91 0.25
CA GLU A 190 1.39 -18.91 -1.17
C GLU A 190 0.21 -19.27 -2.06
N LYS A 191 -0.52 -20.35 -1.74
CA LYS A 191 -1.68 -20.70 -2.57
C LYS A 191 -2.73 -19.58 -2.55
N ARG A 192 -3.12 -19.13 -1.36
CA ARG A 192 -4.11 -18.08 -1.27
C ARG A 192 -3.69 -16.86 -2.09
N ILE A 193 -2.48 -16.42 -1.91
CA ILE A 193 -2.04 -15.23 -2.60
C ILE A 193 -2.08 -15.46 -4.12
N LYS A 194 -1.74 -16.67 -4.55
CA LYS A 194 -1.82 -16.93 -5.99
C LYS A 194 -3.24 -16.77 -6.54
N GLU A 195 -4.25 -17.24 -5.81
CA GLU A 195 -5.62 -17.18 -6.31
C GLU A 195 -6.06 -15.74 -6.51
N VAL A 196 -5.81 -14.89 -5.54
CA VAL A 196 -6.36 -13.55 -5.57
C VAL A 196 -5.72 -12.76 -6.70
N VAL A 197 -4.42 -12.93 -6.91
CA VAL A 197 -3.75 -12.16 -7.95
C VAL A 197 -4.29 -12.54 -9.33
N LYS A 198 -4.31 -13.86 -9.63
CA LYS A 198 -4.76 -14.30 -10.96
C LYS A 198 -6.23 -13.99 -11.18
N LYS A 199 -7.00 -13.96 -10.09
CA LYS A 199 -8.40 -13.64 -10.13
C LYS A 199 -8.65 -12.17 -10.42
N HIS A 200 -7.89 -11.28 -9.79
CA HIS A 200 -8.28 -9.88 -9.77
C HIS A 200 -7.32 -8.98 -10.51
N SER A 201 -6.13 -9.47 -10.87
CA SER A 201 -5.08 -8.62 -11.42
C SER A 201 -4.47 -9.23 -12.70
N GLU A 202 -5.31 -9.70 -13.61
CA GLU A 202 -4.81 -10.32 -14.84
C GLU A 202 -4.13 -9.32 -15.79
N PHE A 203 -4.49 -8.04 -15.75
CA PHE A 203 -4.04 -7.09 -16.76
C PHE A 203 -3.17 -6.03 -16.11
N VAL A 204 -1.95 -6.42 -15.80
CA VAL A 204 -0.99 -5.59 -15.11
C VAL A 204 0.24 -5.55 -15.98
N ALA A 205 0.70 -4.37 -16.34
CA ALA A 205 1.80 -4.31 -17.29
C ALA A 205 3.11 -4.83 -16.72
N TYR A 206 3.16 -5.20 -15.44
CA TYR A 206 4.46 -5.47 -14.81
C TYR A 206 4.47 -6.80 -14.06
N PRO A 207 5.64 -7.42 -13.96
CA PRO A 207 5.68 -8.75 -13.35
C PRO A 207 5.33 -8.64 -11.88
N ILE A 208 4.41 -9.49 -11.44
CA ILE A 208 4.05 -9.62 -10.03
C ILE A 208 4.82 -10.80 -9.47
N GLN A 209 5.74 -10.50 -8.59
CA GLN A 209 6.61 -11.51 -7.96
C GLN A 209 6.15 -11.86 -6.57
N LEU A 210 6.09 -13.15 -6.31
CA LEU A 210 5.76 -13.68 -5.00
C LEU A 210 7.01 -14.32 -4.41
N VAL A 211 7.30 -14.03 -3.15
CA VAL A 211 8.53 -14.51 -2.50
C VAL A 211 8.15 -15.61 -1.54
N VAL A 212 8.66 -16.81 -1.77
CA VAL A 212 8.32 -17.97 -0.95
C VAL A 212 9.58 -18.50 -0.28
N THR A 213 9.51 -18.63 1.03
CA THR A 213 10.52 -19.32 1.78
C THR A 213 10.15 -20.80 1.82
N LYS A 214 11.00 -21.65 1.24
CA LYS A 214 10.78 -23.12 1.23
C LYS A 214 11.96 -23.83 1.88
N GLU A 215 11.68 -24.74 2.82
CA GLU A 215 12.74 -25.50 3.53
C GLU A 215 13.30 -26.55 2.57
N VAL A 216 14.62 -26.67 2.51
CA VAL A 216 15.29 -27.73 1.70
C VAL A 216 15.34 -28.98 2.57
N GLU A 217 14.96 -30.12 2.02
CA GLU A 217 14.91 -31.40 2.78
C GLU A 217 15.50 -32.52 1.91
#